data_3EBE
#
_entry.id   3EBE
#
_cell.length_a   54.565
_cell.length_b   94.414
_cell.length_c   69.775
_cell.angle_alpha   90.00
_cell.angle_beta   112.79
_cell.angle_gamma   90.00
#
_symmetry.space_group_name_H-M   'P 1 21 1'
#
loop_
_entity.id
_entity.type
_entity.pdbx_description
1 polymer 'Protein MCM10 homolog'
2 non-polymer 'ZINC ION'
3 water water
#
_entity_poly.entity_id   1
_entity_poly.type   'polypeptide(L)'
_entity_poly.pdbx_seq_one_letter_code
;GPSPVGQQYHVEKFSGLRIRKPRVSSSEMERKMNGRKLIRLAQLQNKIATEKLEEEDWVTFGVIVKKITPQSSNNGKTFS
IWRLNDLKDLDKYISLFLFGDVHKEHWKTDQGTVIGLLNANPMKPKEGTDEVCLSVDNPQKVLLMGDAVDLGTCKARKKN
GDPCTQMVNLNDCEYCQYHVQAQYKKVSSKRADLQSSYSG
;
_entity_poly.pdbx_strand_id   A,B,C
#
loop_
_chem_comp.id
_chem_comp.type
_chem_comp.name
_chem_comp.formula
ZN non-polymer 'ZINC ION' 'Zn 2'
#
# COMPACT_ATOMS: atom_id res chain seq x y z
N GLN A 8 7.13 -6.14 -15.80
CA GLN A 8 7.19 -6.98 -14.57
C GLN A 8 5.86 -6.96 -13.80
N TYR A 9 5.47 -5.79 -13.28
CA TYR A 9 4.27 -5.69 -12.43
C TYR A 9 3.26 -4.74 -13.00
N HIS A 10 1.99 -5.10 -12.82
CA HIS A 10 0.86 -4.32 -13.33
C HIS A 10 0.18 -3.52 -12.22
N VAL A 11 -0.30 -2.33 -12.57
CA VAL A 11 -1.21 -1.58 -11.71
C VAL A 11 -2.56 -2.31 -11.64
N GLU A 12 -2.81 -2.93 -10.49
CA GLU A 12 -4.07 -3.58 -10.23
C GLU A 12 -5.17 -2.51 -10.25
N LYS A 13 -6.23 -2.75 -11.00
CA LYS A 13 -7.12 -1.67 -11.36
C LYS A 13 -7.86 -1.01 -10.20
N PHE A 14 -8.35 -1.79 -9.25
CA PHE A 14 -9.18 -1.24 -8.22
C PHE A 14 -8.40 -0.49 -7.15
N SER A 15 -7.25 -1.01 -6.77
CA SER A 15 -6.46 -0.37 -5.74
C SER A 15 -5.55 0.70 -6.34
N GLY A 16 -5.21 0.57 -7.63
CA GLY A 16 -4.22 1.47 -8.23
C GLY A 16 -2.77 1.13 -7.85
N LEU A 17 -2.54 -0.05 -7.28
CA LEU A 17 -1.19 -0.42 -6.84
C LEU A 17 -0.60 -1.50 -7.72
N ARG A 18 0.72 -1.42 -7.94
CA ARG A 18 1.42 -2.52 -8.60
C ARG A 18 1.64 -3.60 -7.55
N ILE A 19 1.20 -4.82 -7.87
CA ILE A 19 1.25 -5.91 -6.91
C ILE A 19 2.32 -6.96 -7.26
N ARG A 20 3.16 -7.30 -6.30
CA ARG A 20 4.12 -8.41 -6.47
C ARG A 20 3.38 -9.67 -6.03
N LYS A 21 3.42 -10.71 -6.87
CA LYS A 21 2.68 -11.97 -6.66
C LYS A 21 1.21 -11.78 -6.23
N PRO A 22 0.37 -11.28 -7.15
CA PRO A 22 -1.04 -11.08 -6.83
C PRO A 22 -1.73 -12.40 -6.47
N ARG A 23 -2.56 -12.34 -5.43
CA ARG A 23 -3.28 -13.52 -4.91
C ARG A 23 -4.70 -13.62 -5.42
N VAL A 24 -5.23 -12.56 -6.02
CA VAL A 24 -6.57 -12.61 -6.57
C VAL A 24 -6.49 -12.36 -8.05
N SER A 25 -7.15 -13.20 -8.85
CA SER A 25 -7.19 -13.01 -10.30
C SER A 25 -8.02 -11.77 -10.61
N SER A 26 -7.96 -11.33 -11.87
CA SER A 26 -8.72 -10.19 -12.33
C SER A 26 -10.22 -10.46 -12.30
N SER A 27 -10.62 -11.68 -12.62
CA SER A 27 -12.03 -12.05 -12.61
C SER A 27 -12.54 -12.20 -11.18
N GLU A 28 -11.76 -12.84 -10.31
CA GLU A 28 -12.13 -12.87 -8.89
C GLU A 28 -12.27 -11.48 -8.25
N MET A 29 -11.43 -10.52 -8.64
CA MET A 29 -11.63 -9.14 -8.20
C MET A 29 -12.92 -8.55 -8.76
N GLU A 30 -13.11 -8.70 -10.08
CA GLU A 30 -14.34 -8.23 -10.72
C GLU A 30 -15.59 -8.72 -9.96
N ARG A 31 -15.65 -10.00 -9.64
CA ARG A 31 -16.82 -10.45 -8.89
C ARG A 31 -16.87 -10.03 -7.42
N LYS A 32 -15.71 -9.87 -6.78
CA LYS A 32 -15.65 -9.25 -5.46
C LYS A 32 -16.17 -7.81 -5.46
N MET A 33 -15.85 -7.05 -6.51
CA MET A 33 -16.24 -5.63 -6.61
C MET A 33 -17.65 -5.42 -7.15
N ASN A 34 -18.18 -6.43 -7.85
CA ASN A 34 -19.47 -6.29 -8.52
C ASN A 34 -20.57 -5.79 -7.59
N GLY A 35 -21.18 -4.67 -7.98
CA GLY A 35 -22.30 -4.11 -7.21
C GLY A 35 -21.88 -3.31 -5.99
N ARG A 36 -20.56 -3.19 -5.77
CA ARG A 36 -20.04 -2.55 -4.57
C ARG A 36 -19.57 -1.09 -4.78
N LYS A 37 -19.65 -0.30 -3.71
CA LYS A 37 -19.14 1.07 -3.73
C LYS A 37 -17.67 1.12 -3.29
N LEU A 38 -16.78 1.57 -4.17
CA LEU A 38 -15.40 1.81 -3.79
C LEU A 38 -15.25 3.17 -3.05
N ILE A 39 -14.82 3.11 -1.80
CA ILE A 39 -14.60 4.30 -1.00
C ILE A 39 -13.12 4.36 -0.62
N ARG A 40 -12.45 5.45 -0.98
CA ARG A 40 -11.05 5.61 -0.66
C ARG A 40 -10.92 5.82 0.85
N LEU A 41 -9.81 5.35 1.42
CA LEU A 41 -9.55 5.49 2.85
C LEU A 41 -9.79 6.89 3.42
N ALA A 42 -9.37 7.88 2.63
CA ALA A 42 -9.38 9.29 3.01
C ALA A 42 -10.80 9.81 3.14
N GLN A 43 -11.73 9.11 2.53
CA GLN A 43 -13.12 9.53 2.51
C GLN A 43 -13.89 8.91 3.68
N LEU A 44 -13.33 7.91 4.36
CA LEU A 44 -14.06 7.16 5.41
C LEU A 44 -14.52 8.03 6.58
N GLN A 45 -13.64 8.91 7.05
CA GLN A 45 -14.00 9.84 8.13
C GLN A 45 -15.27 10.62 7.84
N ASN A 46 -15.30 11.28 6.68
CA ASN A 46 -16.45 12.07 6.28
C ASN A 46 -17.69 11.20 6.09
N LYS A 47 -17.53 10.02 5.48
CA LYS A 47 -18.67 9.14 5.28
C LYS A 47 -19.29 8.73 6.60
N ILE A 48 -18.47 8.45 7.60
CA ILE A 48 -18.96 8.03 8.92
C ILE A 48 -19.61 9.23 9.63
N ALA A 49 -18.96 10.39 9.57
CA ALA A 49 -19.43 11.60 10.25
C ALA A 49 -20.79 12.07 9.73
N THR A 50 -21.05 11.81 8.45
CA THR A 50 -22.32 12.17 7.82
C THR A 50 -23.25 10.95 7.71
N GLU A 51 -22.88 9.85 8.37
CA GLU A 51 -23.69 8.61 8.49
C GLU A 51 -24.14 8.03 7.14
N LYS A 52 -23.29 8.18 6.13
CA LYS A 52 -23.55 7.70 4.77
C LYS A 52 -22.81 6.39 4.51
N LEU A 53 -22.12 5.89 5.52
CA LEU A 53 -21.30 4.70 5.30
C LEU A 53 -22.13 3.41 5.32
N GLU A 54 -22.87 3.20 6.41
CA GLU A 54 -23.64 1.97 6.69
C GLU A 54 -24.57 1.46 5.56
N GLU A 55 -25.25 2.38 4.89
CA GLU A 55 -26.16 2.05 3.81
C GLU A 55 -25.47 1.58 2.51
N GLU A 56 -24.14 1.66 2.44
CA GLU A 56 -23.42 1.22 1.25
C GLU A 56 -22.83 -0.16 1.47
N ASP A 57 -22.85 -0.96 0.42
CA ASP A 57 -22.10 -2.19 0.35
C ASP A 57 -20.76 -1.75 -0.22
N TRP A 58 -19.80 -1.47 0.67
CA TRP A 58 -18.57 -0.78 0.33
C TRP A 58 -17.27 -1.55 0.53
N VAL A 59 -16.25 -1.15 -0.24
CA VAL A 59 -14.90 -1.70 -0.08
C VAL A 59 -13.88 -0.56 -0.16
N THR A 60 -12.79 -0.72 0.60
CA THR A 60 -11.68 0.20 0.52
C THR A 60 -10.38 -0.61 0.36
N PHE A 61 -9.29 0.08 0.01
CA PHE A 61 -7.96 -0.53 -0.14
C PHE A 61 -6.92 0.19 0.72
N GLY A 62 -6.04 -0.58 1.32
CA GLY A 62 -4.92 -0.02 2.05
C GLY A 62 -3.82 -1.05 2.17
N VAL A 63 -2.61 -0.59 2.36
CA VAL A 63 -1.51 -1.48 2.67
C VAL A 63 -1.09 -1.44 4.15
N ILE A 64 -0.80 -2.64 4.68
CA ILE A 64 -0.33 -2.74 6.06
C ILE A 64 1.06 -2.12 6.20
N VAL A 65 1.13 -0.98 6.87
CA VAL A 65 2.37 -0.23 6.99
C VAL A 65 2.95 -0.42 8.37
N LYS A 66 2.09 -0.72 9.33
CA LYS A 66 2.54 -1.01 10.68
C LYS A 66 1.63 -2.05 11.30
N LYS A 67 2.23 -2.93 12.09
CA LYS A 67 1.44 -3.88 12.87
C LYS A 67 1.77 -3.78 14.35
N ILE A 68 0.76 -3.91 15.19
CA ILE A 68 0.97 -4.16 16.62
C ILE A 68 0.00 -5.21 17.17
N THR A 69 0.57 -6.14 17.94
CA THR A 69 -0.19 -7.23 18.53
C THR A 69 -0.03 -7.26 20.07
N PRO A 70 -0.84 -6.45 20.79
CA PRO A 70 -0.80 -6.46 22.26
C PRO A 70 -1.56 -7.66 22.88
N THR A 78 -6.23 -11.83 22.98
CA THR A 78 -5.22 -11.42 22.00
C THR A 78 -5.91 -10.87 20.75
N PHE A 79 -5.56 -9.64 20.41
CA PHE A 79 -6.09 -8.98 19.22
C PHE A 79 -4.94 -8.23 18.57
N SER A 80 -5.16 -7.67 17.38
CA SER A 80 -4.11 -6.87 16.76
C SER A 80 -4.64 -5.69 15.95
N ILE A 81 -3.74 -4.76 15.68
CA ILE A 81 -4.05 -3.54 14.96
C ILE A 81 -3.12 -3.48 13.77
N TRP A 82 -3.68 -3.06 12.64
CA TRP A 82 -2.93 -2.75 11.43
C TRP A 82 -3.15 -1.28 11.12
N ARG A 83 -2.05 -0.56 10.96
CA ARG A 83 -2.05 0.78 10.40
C ARG A 83 -2.13 0.62 8.91
N LEU A 84 -3.15 1.22 8.28
CA LEU A 84 -3.32 1.16 6.82
C LEU A 84 -3.14 2.50 6.16
N ASN A 85 -2.42 2.49 5.04
CA ASN A 85 -2.32 3.63 4.17
C ASN A 85 -2.47 3.12 2.72
N ASP A 86 -3.16 3.85 1.85
CA ASP A 86 -3.40 3.36 0.49
C ASP A 86 -2.32 3.74 -0.56
N LEU A 87 -1.31 4.48 -0.11
CA LEU A 87 -0.16 4.83 -0.95
C LEU A 87 -0.56 5.71 -2.13
N LYS A 88 -1.71 6.36 -2.02
CA LYS A 88 -2.14 7.35 -3.03
C LYS A 88 -2.35 8.68 -2.34
N ASP A 89 -3.10 8.69 -1.23
CA ASP A 89 -3.14 9.80 -0.29
C ASP A 89 -2.24 9.43 0.90
N LEU A 90 -0.99 9.91 0.86
CA LEU A 90 0.06 9.42 1.75
C LEU A 90 -0.07 9.85 3.19
N ASP A 91 -0.85 10.89 3.45
CA ASP A 91 -0.98 11.39 4.82
C ASP A 91 -2.20 10.88 5.55
N LYS A 92 -3.00 10.04 4.88
CA LYS A 92 -4.24 9.53 5.46
C LYS A 92 -4.07 8.08 5.92
N TYR A 93 -4.43 7.82 7.17
CA TYR A 93 -4.27 6.51 7.77
C TYR A 93 -5.56 6.11 8.43
N ILE A 94 -5.85 4.81 8.41
CA ILE A 94 -6.81 4.23 9.34
C ILE A 94 -6.16 3.11 10.19
N SER A 95 -6.76 2.82 11.33
CA SER A 95 -6.39 1.64 12.12
C SER A 95 -7.45 0.58 12.00
N LEU A 96 -7.03 -0.62 11.63
CA LEU A 96 -7.94 -1.75 11.63
C LEU A 96 -7.64 -2.62 12.83
N PHE A 97 -8.68 -2.95 13.59
CA PHE A 97 -8.56 -3.77 14.76
C PHE A 97 -9.04 -5.17 14.38
N LEU A 98 -8.20 -6.16 14.66
CA LEU A 98 -8.58 -7.54 14.40
C LEU A 98 -8.89 -8.19 15.74
N PHE A 99 -10.11 -8.72 15.85
CA PHE A 99 -10.52 -9.49 17.02
C PHE A 99 -10.94 -10.87 16.60
N GLY A 100 -10.86 -11.80 17.54
CA GLY A 100 -11.42 -13.13 17.39
C GLY A 100 -10.93 -13.86 16.16
N ASP A 101 -11.88 -14.32 15.35
CA ASP A 101 -11.64 -15.15 14.19
C ASP A 101 -10.68 -14.45 13.20
N VAL A 102 -10.90 -13.15 13.02
CA VAL A 102 -10.09 -12.31 12.13
C VAL A 102 -8.65 -12.24 12.59
N HIS A 103 -8.44 -11.95 13.86
CA HIS A 103 -7.12 -11.97 14.42
C HIS A 103 -6.45 -13.36 14.19
N LYS A 104 -7.15 -14.42 14.58
CA LYS A 104 -6.62 -15.77 14.49
C LYS A 104 -6.21 -16.14 13.07
N GLU A 105 -7.04 -15.78 12.12
CA GLU A 105 -6.84 -16.15 10.72
C GLU A 105 -5.68 -15.37 10.11
N HIS A 106 -5.66 -14.09 10.42
CA HIS A 106 -4.88 -13.09 9.65
C HIS A 106 -3.74 -12.39 10.36
N TRP A 107 -3.54 -12.60 11.64
CA TRP A 107 -2.56 -11.78 12.39
C TRP A 107 -1.10 -11.93 11.94
N LYS A 108 -0.74 -13.05 11.34
CA LYS A 108 0.63 -13.27 10.89
C LYS A 108 0.91 -12.74 9.47
N THR A 109 -0.03 -12.02 8.87
CA THR A 109 0.17 -11.52 7.50
C THR A 109 1.26 -10.44 7.40
N ASP A 110 2.04 -10.53 6.32
CA ASP A 110 3.22 -9.71 6.11
C ASP A 110 2.87 -8.22 6.10
N GLN A 111 3.73 -7.42 6.72
CA GLN A 111 3.70 -5.98 6.54
C GLN A 111 3.90 -5.72 5.03
N GLY A 112 3.27 -4.69 4.49
CA GLY A 112 3.44 -4.40 3.08
C GLY A 112 2.42 -5.09 2.21
N THR A 113 1.50 -5.84 2.85
CA THR A 113 0.41 -6.50 2.11
C THR A 113 -0.67 -5.48 1.71
N VAL A 114 -1.09 -5.56 0.45
CA VAL A 114 -2.29 -4.86 -0.03
C VAL A 114 -3.54 -5.67 0.34
N ILE A 115 -4.49 -4.99 0.97
CA ILE A 115 -5.74 -5.62 1.35
C ILE A 115 -6.92 -4.80 0.89
N GLY A 116 -7.98 -5.51 0.51
CA GLY A 116 -9.32 -4.95 0.40
C GLY A 116 -10.04 -5.14 1.72
N LEU A 117 -10.71 -4.09 2.18
CA LEU A 117 -11.39 -4.12 3.43
C LEU A 117 -12.84 -3.82 3.12
N LEU A 118 -13.75 -4.68 3.56
CA LEU A 118 -15.15 -4.57 3.15
C LEU A 118 -16.05 -4.41 4.35
N ASN A 119 -16.90 -3.39 4.33
CA ASN A 119 -17.99 -3.27 5.29
C ASN A 119 -17.57 -3.39 6.76
N ALA A 120 -16.47 -2.73 7.10
CA ALA A 120 -16.00 -2.71 8.48
C ALA A 120 -16.86 -1.78 9.36
N ASN A 121 -16.78 -2.02 10.67
CA ASN A 121 -17.55 -1.24 11.66
C ASN A 121 -16.73 -0.17 12.37
N PRO A 122 -17.08 1.11 12.19
CA PRO A 122 -16.47 2.24 12.89
C PRO A 122 -16.39 1.99 14.40
N MET A 123 -15.30 2.41 15.03
CA MET A 123 -15.11 2.25 16.45
C MET A 123 -15.00 3.63 17.10
N LYS A 124 -15.17 3.69 18.42
CA LYS A 124 -14.78 4.89 19.19
C LYS A 124 -13.38 5.37 18.80
N PRO A 125 -13.22 6.69 18.62
CA PRO A 125 -11.93 7.36 18.42
C PRO A 125 -10.90 6.98 19.49
N LYS A 126 -9.64 6.84 19.08
CA LYS A 126 -8.56 6.50 20.01
C LYS A 126 -7.79 7.73 20.56
N GLU A 127 -8.29 8.27 21.67
CA GLU A 127 -7.67 9.37 22.45
C GLU A 127 -6.30 9.91 21.97
N GLY A 128 -6.32 11.17 21.53
CA GLY A 128 -5.12 11.86 21.04
C GLY A 128 -4.97 11.92 19.52
N THR A 129 -5.73 11.08 18.81
CA THR A 129 -5.66 10.94 17.33
C THR A 129 -7.05 11.11 16.67
N ASP A 130 -7.09 11.70 15.48
CA ASP A 130 -8.35 11.84 14.75
C ASP A 130 -8.38 10.82 13.64
N GLU A 131 -7.65 9.75 13.85
CA GLU A 131 -7.54 8.69 12.89
C GLU A 131 -8.74 7.75 13.06
N VAL A 132 -9.39 7.45 11.94
CA VAL A 132 -10.48 6.49 11.90
C VAL A 132 -10.01 5.12 12.39
N CYS A 133 -10.76 4.58 13.35
CA CYS A 133 -10.58 3.20 13.81
C CYS A 133 -11.77 2.38 13.37
N LEU A 134 -11.48 1.22 12.77
CA LEU A 134 -12.50 0.29 12.26
C LEU A 134 -12.21 -1.13 12.74
N SER A 135 -13.25 -1.90 12.97
CA SER A 135 -13.05 -3.30 13.15
C SER A 135 -13.90 -4.09 12.15
N VAL A 136 -13.70 -5.39 12.11
CA VAL A 136 -14.36 -6.22 11.15
C VAL A 136 -14.92 -7.50 11.78
N ASP A 137 -16.24 -7.67 11.53
CA ASP A 137 -17.09 -8.78 11.97
C ASP A 137 -16.51 -10.17 11.75
N ASN A 138 -15.70 -10.30 10.69
CA ASN A 138 -15.61 -11.54 9.96
C ASN A 138 -14.39 -11.55 9.03
N PRO A 139 -13.53 -12.58 9.16
CA PRO A 139 -12.28 -12.61 8.40
C PRO A 139 -12.44 -12.62 6.87
N GLN A 140 -13.66 -12.86 6.38
CA GLN A 140 -13.99 -12.75 4.95
C GLN A 140 -14.20 -11.27 4.48
N LYS A 141 -14.12 -10.33 5.41
CA LYS A 141 -14.21 -8.93 5.05
C LYS A 141 -12.78 -8.36 4.84
N VAL A 142 -11.79 -9.24 5.00
CA VAL A 142 -10.40 -8.91 4.70
C VAL A 142 -9.95 -9.72 3.45
N LEU A 143 -9.52 -9.01 2.41
CA LEU A 143 -9.10 -9.66 1.18
C LEU A 143 -7.62 -9.39 0.99
N LEU A 144 -6.80 -10.43 1.07
CA LEU A 144 -5.36 -10.30 0.87
C LEU A 144 -5.04 -10.34 -0.61
N MET A 145 -4.52 -9.24 -1.13
CA MET A 145 -4.29 -9.13 -2.56
C MET A 145 -2.84 -9.36 -3.03
N GLY A 146 -1.87 -9.30 -2.12
CA GLY A 146 -0.44 -9.50 -2.46
C GLY A 146 0.46 -8.42 -1.89
N ASP A 147 1.70 -8.38 -2.34
CA ASP A 147 2.68 -7.44 -1.80
C ASP A 147 2.74 -6.13 -2.60
N ALA A 148 2.78 -5.00 -1.89
CA ALA A 148 2.86 -3.68 -2.51
C ALA A 148 4.30 -3.45 -2.94
N VAL A 149 4.58 -3.59 -4.23
CA VAL A 149 5.96 -3.55 -4.68
C VAL A 149 6.60 -2.17 -4.48
N ASP A 150 5.79 -1.11 -4.52
CA ASP A 150 6.30 0.29 -4.47
C ASP A 150 6.21 0.99 -3.14
N LEU A 151 6.04 0.21 -2.07
CA LEU A 151 6.05 0.72 -0.72
C LEU A 151 7.52 0.89 -0.33
N GLY A 152 7.90 2.11 0.03
CA GLY A 152 9.30 2.41 0.28
C GLY A 152 9.45 3.55 1.24
N THR A 153 10.70 3.96 1.44
CA THR A 153 11.04 5.06 2.31
C THR A 153 11.58 6.24 1.50
N CYS A 154 11.24 7.44 1.96
CA CYS A 154 11.76 8.71 1.39
C CYS A 154 13.29 8.69 1.22
N LYS A 155 13.77 9.23 0.11
CA LYS A 155 15.22 9.19 -0.25
C LYS A 155 16.02 10.36 0.33
N ALA A 156 15.32 11.38 0.81
CA ALA A 156 15.95 12.56 1.39
C ALA A 156 16.52 12.29 2.79
N ARG A 157 17.29 13.24 3.32
CA ARG A 157 17.81 13.15 4.68
C ARG A 157 17.23 14.24 5.57
N LYS A 158 17.24 13.99 6.88
CA LYS A 158 16.92 15.00 7.88
C LYS A 158 18.08 15.98 7.98
N LYS A 159 17.89 17.10 8.70
CA LYS A 159 18.92 18.13 8.88
C LYS A 159 20.23 17.60 9.42
N ASN A 160 20.16 16.53 10.20
CA ASN A 160 21.36 16.01 10.87
C ASN A 160 22.08 14.91 10.06
N GLY A 161 21.51 14.51 8.93
CA GLY A 161 22.14 13.52 8.06
C GLY A 161 21.54 12.14 8.16
N ASP A 162 20.65 11.95 9.14
CA ASP A 162 19.87 10.70 9.22
C ASP A 162 18.95 10.54 8.01
N PRO A 163 18.75 9.28 7.57
CA PRO A 163 17.79 8.99 6.53
C PRO A 163 16.37 9.42 6.92
N CYS A 164 15.59 9.92 5.97
CA CYS A 164 14.18 10.18 6.26
C CYS A 164 13.49 8.81 6.38
N THR A 165 12.58 8.71 7.34
CA THR A 165 11.82 7.47 7.59
C THR A 165 10.37 7.55 7.05
N GLN A 166 9.97 8.69 6.50
CA GLN A 166 8.63 8.79 5.90
C GLN A 166 8.42 7.87 4.71
N MET A 167 7.24 7.23 4.73
CA MET A 167 6.78 6.30 3.73
C MET A 167 6.43 6.96 2.40
N VAL A 168 6.61 6.20 1.32
CA VAL A 168 6.56 6.73 -0.02
C VAL A 168 6.02 5.65 -0.98
N ASN A 169 5.39 6.08 -2.08
CA ASN A 169 5.04 5.22 -3.20
C ASN A 169 6.10 5.45 -4.27
N LEU A 170 7.06 4.52 -4.32
CA LEU A 170 8.23 4.59 -5.21
C LEU A 170 7.90 4.85 -6.67
N ASN A 171 6.70 4.48 -7.08
CA ASN A 171 6.26 4.58 -8.47
C ASN A 171 5.76 5.99 -8.81
N ASP A 172 5.38 6.76 -7.80
CA ASP A 172 4.78 8.08 -7.99
C ASP A 172 5.74 9.18 -7.60
N CYS A 173 6.37 9.05 -6.42
CA CYS A 173 7.36 10.03 -5.95
C CYS A 173 8.27 9.40 -4.89
N GLU A 174 9.58 9.56 -5.07
CA GLU A 174 10.60 9.04 -4.15
C GLU A 174 10.85 9.88 -2.88
N TYR A 175 10.10 10.98 -2.75
CA TYR A 175 10.23 11.91 -1.64
C TYR A 175 8.89 12.05 -0.98
N CYS A 176 8.90 12.07 0.35
CA CYS A 176 7.70 12.29 1.17
C CYS A 176 7.16 13.72 1.00
N GLN A 177 5.97 13.98 1.54
CA GLN A 177 5.40 15.34 1.49
C GLN A 177 6.40 16.43 1.89
N TYR A 178 7.02 16.29 3.06
CA TYR A 178 7.88 17.35 3.62
C TYR A 178 9.06 17.67 2.72
N HIS A 179 9.66 16.62 2.16
CA HIS A 179 10.85 16.80 1.34
C HIS A 179 10.56 17.19 -0.10
N VAL A 180 9.35 16.91 -0.60
CA VAL A 180 9.00 17.41 -1.95
C VAL A 180 8.82 18.91 -1.89
N GLN A 181 8.09 19.35 -0.87
CA GLN A 181 7.89 20.78 -0.60
C GLN A 181 9.18 21.51 -0.90
N ALA A 182 10.31 20.85 -0.62
CA ALA A 182 11.67 21.39 -0.82
C ALA A 182 12.29 21.05 -2.19
N GLN A 183 11.99 19.88 -2.74
CA GLN A 183 12.41 19.51 -4.11
C GLN A 183 11.71 20.37 -5.17
N TYR A 184 10.42 20.65 -4.96
CA TYR A 184 9.64 21.57 -5.81
C TYR A 184 10.22 23.00 -5.79
N LYS A 185 10.65 23.44 -4.61
CA LYS A 185 11.40 24.71 -4.48
C LYS A 185 12.84 24.60 -5.02
N LYS A 186 13.08 23.60 -5.87
CA LYS A 186 14.35 23.41 -6.56
C LYS A 186 14.09 22.97 -8.00
N GLN B 8 32.75 -11.38 -4.63
CA GLN B 8 32.11 -12.51 -5.40
C GLN B 8 30.67 -12.78 -4.93
N TYR B 9 30.47 -13.73 -4.01
CA TYR B 9 29.16 -13.90 -3.37
C TYR B 9 29.22 -13.42 -1.95
N HIS B 10 28.13 -12.77 -1.53
CA HIS B 10 28.00 -12.24 -0.18
C HIS B 10 27.15 -13.21 0.63
N VAL B 11 27.48 -13.35 1.92
CA VAL B 11 26.64 -14.07 2.85
C VAL B 11 25.43 -13.21 3.23
N GLU B 12 24.24 -13.75 3.00
CA GLU B 12 23.02 -13.03 3.29
C GLU B 12 22.85 -13.08 4.81
N LYS B 13 22.40 -11.95 5.34
CA LYS B 13 22.47 -11.65 6.74
C LYS B 13 21.69 -12.61 7.66
N PHE B 14 20.43 -12.86 7.36
CA PHE B 14 19.56 -13.61 8.27
C PHE B 14 19.81 -15.11 8.19
N SER B 15 20.01 -15.61 6.97
CA SER B 15 20.27 -17.01 6.77
C SER B 15 21.74 -17.36 7.05
N GLY B 16 22.65 -16.37 6.93
CA GLY B 16 24.08 -16.63 7.06
C GLY B 16 24.62 -17.43 5.87
N LEU B 17 23.91 -17.38 4.74
CA LEU B 17 24.29 -18.15 3.57
C LEU B 17 24.69 -17.33 2.38
N ARG B 18 25.64 -17.83 1.60
CA ARG B 18 26.00 -17.15 0.36
C ARG B 18 25.01 -17.55 -0.71
N ILE B 19 24.41 -16.56 -1.35
CA ILE B 19 23.38 -16.76 -2.35
C ILE B 19 23.83 -16.39 -3.77
N ARG B 20 23.78 -17.37 -4.66
CA ARG B 20 23.99 -17.10 -6.08
C ARG B 20 22.70 -16.53 -6.62
N LYS B 21 22.80 -15.35 -7.24
CA LYS B 21 21.67 -14.66 -7.85
C LYS B 21 20.55 -14.39 -6.85
N PRO B 22 20.79 -13.52 -5.85
CA PRO B 22 19.76 -13.35 -4.82
C PRO B 22 18.42 -12.86 -5.40
N ARG B 23 17.34 -13.48 -4.92
CA ARG B 23 16.00 -13.35 -5.48
C ARG B 23 15.19 -12.26 -4.73
N VAL B 24 15.77 -11.70 -3.67
CA VAL B 24 15.05 -10.75 -2.81
C VAL B 24 15.98 -9.68 -2.21
N SER B 25 15.51 -8.42 -2.20
CA SER B 25 16.32 -7.27 -1.78
C SER B 25 16.49 -7.22 -0.28
N SER B 26 17.58 -6.61 0.19
CA SER B 26 17.91 -6.57 1.62
C SER B 26 16.93 -5.72 2.44
N SER B 27 16.38 -4.68 1.81
CA SER B 27 15.36 -3.87 2.47
C SER B 27 14.10 -4.71 2.66
N GLU B 28 13.77 -5.51 1.65
CA GLU B 28 12.55 -6.31 1.72
C GLU B 28 12.76 -7.60 2.54
N MET B 29 14.01 -7.99 2.75
CA MET B 29 14.31 -9.03 3.72
C MET B 29 14.02 -8.46 5.10
N GLU B 30 14.51 -7.24 5.32
CA GLU B 30 14.39 -6.55 6.60
C GLU B 30 12.94 -6.39 7.04
N ARG B 31 12.06 -6.15 6.07
CA ARG B 31 10.64 -5.96 6.32
C ARG B 31 9.95 -7.30 6.58
N LYS B 32 10.43 -8.34 5.91
CA LYS B 32 9.90 -9.70 6.06
C LYS B 32 10.21 -10.21 7.48
N MET B 33 11.36 -9.82 7.98
CA MET B 33 11.87 -10.20 9.28
C MET B 33 11.37 -9.35 10.45
N ASN B 34 10.98 -8.11 10.16
CA ASN B 34 10.56 -7.18 11.21
C ASN B 34 9.45 -7.76 12.11
N GLY B 35 9.67 -7.63 13.43
CA GLY B 35 8.75 -8.12 14.46
C GLY B 35 8.60 -9.64 14.54
N ARG B 36 9.39 -10.36 13.76
CA ARG B 36 9.31 -11.82 13.73
C ARG B 36 10.44 -12.53 14.48
N LYS B 37 10.10 -13.61 15.17
CA LYS B 37 11.07 -14.45 15.81
C LYS B 37 11.79 -15.24 14.71
N LEU B 38 13.11 -15.14 14.66
CA LEU B 38 13.88 -16.03 13.81
C LEU B 38 14.15 -17.31 14.62
N ILE B 39 13.74 -18.46 14.10
CA ILE B 39 14.02 -19.72 14.76
C ILE B 39 14.87 -20.59 13.82
N ARG B 40 16.03 -21.04 14.31
CA ARG B 40 16.90 -21.86 13.47
C ARG B 40 16.22 -23.20 13.37
N LEU B 41 16.43 -23.91 12.25
CA LEU B 41 15.71 -25.14 12.07
C LEU B 41 15.95 -26.22 13.13
N ALA B 42 17.12 -26.21 13.79
CA ALA B 42 17.41 -27.16 14.89
C ALA B 42 16.54 -26.91 16.11
N GLN B 43 16.10 -25.66 16.29
CA GLN B 43 15.25 -25.35 17.43
C GLN B 43 13.77 -25.76 17.21
N LEU B 44 13.41 -26.24 16.02
CA LEU B 44 12.00 -26.49 15.70
C LEU B 44 11.39 -27.68 16.45
N GLN B 45 12.12 -28.79 16.50
CA GLN B 45 11.64 -29.98 17.19
C GLN B 45 11.17 -29.66 18.61
N ASN B 46 11.97 -28.90 19.34
CA ASN B 46 11.63 -28.53 20.71
C ASN B 46 10.44 -27.59 20.83
N LYS B 47 10.29 -26.66 19.90
CA LYS B 47 9.17 -25.69 19.97
C LYS B 47 7.83 -26.36 19.71
N ILE B 48 7.82 -27.32 18.77
CA ILE B 48 6.65 -28.13 18.45
C ILE B 48 6.26 -28.99 19.67
N ALA B 49 7.27 -29.65 20.25
CA ALA B 49 7.07 -30.52 21.41
C ALA B 49 6.56 -29.74 22.62
N THR B 50 7.04 -28.51 22.79
CA THR B 50 6.64 -27.66 23.92
C THR B 50 5.39 -26.87 23.58
N GLU B 51 4.91 -27.02 22.35
CA GLU B 51 3.67 -26.38 21.87
C GLU B 51 3.77 -24.87 21.89
N LYS B 52 4.99 -24.40 21.63
CA LYS B 52 5.34 -22.99 21.69
C LYS B 52 5.60 -22.45 20.30
N LEU B 53 5.08 -23.10 19.27
CA LEU B 53 5.40 -22.66 17.91
C LEU B 53 4.33 -21.77 17.28
N GLU B 54 3.06 -22.16 17.42
CA GLU B 54 1.96 -21.45 16.74
C GLU B 54 1.62 -20.08 17.35
N GLU B 55 2.06 -19.83 18.56
CA GLU B 55 1.84 -18.52 19.18
C GLU B 55 2.85 -17.46 18.67
N GLU B 56 3.94 -17.91 18.08
CA GLU B 56 4.95 -17.03 17.51
C GLU B 56 4.70 -16.73 16.02
N ASP B 57 5.00 -15.49 15.64
CA ASP B 57 5.09 -15.12 14.24
C ASP B 57 6.56 -15.33 13.91
N TRP B 58 6.89 -16.46 13.28
CA TRP B 58 8.28 -16.88 13.11
C TRP B 58 8.73 -17.24 11.68
N VAL B 59 10.05 -17.21 11.49
CA VAL B 59 10.70 -17.52 10.21
C VAL B 59 11.82 -18.51 10.48
N THR B 60 12.05 -19.43 9.55
CA THR B 60 13.30 -20.21 9.58
C THR B 60 13.99 -20.19 8.21
N PHE B 61 15.20 -20.70 8.11
CA PHE B 61 15.85 -20.81 6.80
C PHE B 61 16.27 -22.26 6.53
N GLY B 62 16.14 -22.70 5.29
CA GLY B 62 16.56 -24.02 4.93
C GLY B 62 16.84 -24.10 3.45
N VAL B 63 17.73 -25.02 3.10
CA VAL B 63 18.10 -25.24 1.70
C VAL B 63 17.43 -26.51 1.25
N ILE B 64 16.87 -26.51 0.05
CA ILE B 64 16.30 -27.74 -0.47
C ILE B 64 17.39 -28.74 -0.82
N VAL B 65 17.50 -29.78 0.02
CA VAL B 65 18.52 -30.83 -0.23
C VAL B 65 18.01 -32.12 -0.85
N LYS B 66 16.71 -32.31 -0.83
CA LYS B 66 16.07 -33.43 -1.49
C LYS B 66 14.59 -33.11 -1.71
N LYS B 67 14.05 -33.68 -2.78
CA LYS B 67 12.69 -33.44 -3.23
C LYS B 67 12.04 -34.79 -3.49
N ILE B 68 10.77 -34.91 -3.07
CA ILE B 68 9.95 -36.11 -3.29
C ILE B 68 8.57 -35.68 -3.83
N THR B 69 7.97 -36.53 -4.66
CA THR B 69 6.54 -36.42 -5.01
C THR B 69 5.66 -37.12 -3.97
N THR B 78 -2.28 -32.58 -5.89
CA THR B 78 -1.05 -33.19 -5.40
C THR B 78 -0.31 -32.29 -4.41
N PHE B 79 0.85 -32.78 -4.00
CA PHE B 79 1.65 -32.16 -3.00
C PHE B 79 3.08 -32.66 -3.20
N SER B 80 4.04 -31.95 -2.62
CA SER B 80 5.43 -32.39 -2.63
C SER B 80 5.97 -32.39 -1.22
N ILE B 81 7.17 -32.92 -1.09
CA ILE B 81 7.94 -32.84 0.16
C ILE B 81 9.33 -32.38 -0.18
N TRP B 82 9.79 -31.37 0.56
CA TRP B 82 11.19 -30.96 0.52
C TRP B 82 11.87 -31.31 1.82
N ARG B 83 13.03 -31.93 1.70
CA ARG B 83 13.86 -32.14 2.85
C ARG B 83 14.73 -30.90 2.99
N LEU B 84 14.73 -30.27 4.17
CA LEU B 84 15.49 -29.03 4.38
C LEU B 84 16.63 -29.14 5.36
N ASN B 85 17.71 -28.43 5.04
CA ASN B 85 18.88 -28.37 5.89
C ASN B 85 19.41 -26.94 5.82
N ASP B 86 19.85 -26.37 6.94
CA ASP B 86 20.23 -24.97 6.86
C ASP B 86 21.72 -24.70 6.58
N LEU B 87 22.49 -25.76 6.39
CA LEU B 87 23.93 -25.70 6.10
C LEU B 87 24.77 -25.07 7.19
N LYS B 88 24.21 -24.97 8.41
CA LYS B 88 24.91 -24.50 9.61
C LYS B 88 24.89 -25.64 10.62
N ASP B 89 23.69 -26.16 10.93
CA ASP B 89 23.59 -27.40 11.68
C ASP B 89 23.44 -28.51 10.68
N LEU B 90 24.57 -28.95 10.17
CA LEU B 90 24.62 -29.83 9.02
C LEU B 90 23.91 -31.17 9.19
N ASP B 91 23.69 -31.63 10.41
CA ASP B 91 22.88 -32.84 10.52
C ASP B 91 21.46 -32.69 11.11
N LYS B 92 20.92 -31.46 11.12
CA LYS B 92 19.52 -31.19 11.44
C LYS B 92 18.67 -30.97 10.17
N TYR B 93 17.67 -31.82 10.01
CA TYR B 93 16.78 -31.79 8.86
C TYR B 93 15.30 -31.71 9.29
N ILE B 94 14.50 -31.01 8.49
CA ILE B 94 13.04 -31.14 8.58
C ILE B 94 12.49 -31.50 7.21
N SER B 95 11.29 -32.07 7.20
CA SER B 95 10.54 -32.28 5.99
C SER B 95 9.42 -31.24 5.88
N LEU B 96 9.36 -30.53 4.78
CA LEU B 96 8.29 -29.58 4.54
C LEU B 96 7.32 -30.15 3.48
N PHE B 97 6.06 -30.26 3.88
CA PHE B 97 4.97 -30.68 3.01
C PHE B 97 4.31 -29.46 2.36
N LEU B 98 4.32 -29.45 1.04
CA LEU B 98 3.76 -28.37 0.24
C LEU B 98 2.40 -28.81 -0.29
N PHE B 99 1.33 -28.12 0.16
CA PHE B 99 -0.05 -28.38 -0.29
C PHE B 99 -0.64 -27.21 -1.10
N GLY B 100 -1.78 -27.47 -1.73
CA GLY B 100 -2.57 -26.51 -2.47
C GLY B 100 -1.78 -25.58 -3.38
N ASP B 101 -1.96 -24.28 -3.16
CA ASP B 101 -1.35 -23.28 -4.03
C ASP B 101 0.16 -23.26 -3.89
N VAL B 102 0.70 -23.80 -2.81
CA VAL B 102 2.15 -23.78 -2.64
C VAL B 102 2.81 -24.87 -3.46
N HIS B 103 2.21 -26.05 -3.51
CA HIS B 103 2.61 -27.07 -4.46
C HIS B 103 2.47 -26.55 -5.90
N LYS B 104 1.28 -26.05 -6.24
CA LYS B 104 1.00 -25.55 -7.60
C LYS B 104 1.99 -24.46 -8.05
N GLU B 105 2.29 -23.50 -7.17
CA GLU B 105 3.20 -22.43 -7.53
C GLU B 105 4.66 -22.89 -7.50
N HIS B 106 5.04 -23.66 -6.49
CA HIS B 106 6.46 -23.89 -6.24
C HIS B 106 7.02 -25.27 -6.50
N TRP B 107 6.22 -26.23 -6.93
CA TRP B 107 6.77 -27.58 -7.00
C TRP B 107 8.02 -27.83 -7.87
N LYS B 108 8.24 -27.02 -8.91
CA LYS B 108 9.35 -27.24 -9.86
C LYS B 108 10.68 -26.54 -9.50
N THR B 109 10.70 -25.84 -8.37
CA THR B 109 11.92 -25.10 -7.97
C THR B 109 13.14 -26.02 -7.72
N ASP B 110 14.34 -25.56 -8.11
CA ASP B 110 15.56 -26.36 -8.06
C ASP B 110 15.90 -26.86 -6.67
N GLN B 111 16.44 -28.08 -6.59
CA GLN B 111 17.18 -28.52 -5.43
C GLN B 111 18.40 -27.57 -5.21
N GLY B 112 18.74 -27.29 -3.97
CA GLY B 112 19.78 -26.30 -3.67
C GLY B 112 19.25 -24.88 -3.51
N THR B 113 17.93 -24.68 -3.64
CA THR B 113 17.46 -23.30 -3.41
C THR B 113 17.25 -22.96 -1.95
N VAL B 114 17.67 -21.75 -1.59
CA VAL B 114 17.49 -21.31 -0.22
C VAL B 114 16.13 -20.67 -0.03
N ILE B 115 15.46 -21.09 1.05
CA ILE B 115 14.16 -20.58 1.36
C ILE B 115 14.03 -20.02 2.78
N GLY B 116 13.17 -19.02 2.89
CA GLY B 116 12.65 -18.61 4.16
C GLY B 116 11.32 -19.32 4.30
N LEU B 117 11.07 -19.84 5.47
CA LEU B 117 9.83 -20.55 5.70
C LEU B 117 9.20 -19.93 6.95
N LEU B 118 7.96 -19.49 6.81
CA LEU B 118 7.30 -18.70 7.83
C LEU B 118 6.07 -19.42 8.30
N ASN B 119 5.97 -19.65 9.61
CA ASN B 119 4.68 -19.98 10.21
C ASN B 119 4.00 -21.24 9.64
N ALA B 120 4.81 -22.24 9.30
CA ALA B 120 4.31 -23.53 8.79
C ALA B 120 3.62 -24.31 9.91
N ASN B 121 2.79 -25.26 9.52
CA ASN B 121 1.96 -26.00 10.46
C ASN B 121 2.63 -27.34 10.79
N PRO B 122 2.88 -27.62 12.09
CA PRO B 122 3.45 -28.92 12.44
C PRO B 122 2.47 -30.01 12.07
N MET B 123 3.00 -31.16 11.69
CA MET B 123 2.17 -32.31 11.39
C MET B 123 2.26 -33.34 12.49
N LYS B 124 1.21 -34.14 12.67
CA LYS B 124 1.22 -35.31 13.56
C LYS B 124 2.31 -36.28 13.12
N PRO B 125 2.90 -37.02 14.07
CA PRO B 125 4.08 -37.79 13.66
C PRO B 125 3.77 -39.24 13.22
N LYS B 126 4.79 -39.92 12.71
CA LYS B 126 4.74 -41.36 12.46
C LYS B 126 5.16 -42.10 13.72
N GLU B 127 5.11 -43.44 13.68
CA GLU B 127 5.77 -44.26 14.68
C GLU B 127 7.22 -44.52 14.24
N GLY B 128 7.53 -44.13 13.00
CA GLY B 128 8.90 -44.11 12.47
C GLY B 128 9.41 -42.68 12.32
N THR B 129 10.17 -42.24 13.33
CA THR B 129 10.63 -40.85 13.42
C THR B 129 12.06 -40.80 14.05
N ASP B 130 12.47 -39.70 14.70
CA ASP B 130 11.67 -38.51 14.96
C ASP B 130 11.83 -37.41 13.88
N GLU B 131 11.48 -37.77 12.64
CA GLU B 131 11.47 -36.84 11.52
C GLU B 131 10.44 -35.73 11.76
N VAL B 132 10.95 -34.52 11.93
CA VAL B 132 10.15 -33.31 12.13
C VAL B 132 9.55 -32.87 10.82
N CYS B 133 8.22 -32.79 10.80
CA CYS B 133 7.47 -32.49 9.59
C CYS B 133 6.59 -31.28 9.79
N LEU B 134 6.59 -30.40 8.80
CA LEU B 134 5.68 -29.25 8.76
C LEU B 134 5.01 -29.10 7.40
N SER B 135 3.85 -28.46 7.35
CA SER B 135 3.19 -28.23 6.08
C SER B 135 2.89 -26.77 5.88
N VAL B 136 2.68 -26.38 4.62
CA VAL B 136 2.23 -25.04 4.24
C VAL B 136 1.24 -25.18 3.11
N ASP B 137 0.16 -24.41 3.15
CA ASP B 137 -0.75 -24.28 2.01
C ASP B 137 -0.81 -22.86 1.46
N ASN B 138 -0.16 -21.91 2.13
CA ASN B 138 -0.21 -20.50 1.73
C ASN B 138 1.13 -20.08 1.13
N PRO B 139 1.17 -19.67 -0.16
CA PRO B 139 2.42 -19.37 -0.88
C PRO B 139 3.22 -18.20 -0.30
N GLN B 140 2.57 -17.35 0.50
CA GLN B 140 3.28 -16.30 1.19
C GLN B 140 4.13 -16.82 2.37
N LYS B 141 3.95 -18.10 2.73
CA LYS B 141 4.78 -18.75 3.77
C LYS B 141 6.10 -19.35 3.30
N VAL B 142 6.32 -19.31 2.00
CA VAL B 142 7.57 -19.80 1.41
C VAL B 142 8.25 -18.65 0.68
N LEU B 143 9.45 -18.26 1.10
CA LEU B 143 10.20 -17.17 0.46
C LEU B 143 11.43 -17.72 -0.29
N LEU B 144 11.39 -17.69 -1.62
CA LEU B 144 12.47 -18.24 -2.41
C LEU B 144 13.57 -17.20 -2.52
N MET B 145 14.76 -17.55 -2.04
CA MET B 145 15.81 -16.54 -1.88
C MET B 145 16.93 -16.56 -2.92
N GLY B 146 17.11 -17.70 -3.59
CA GLY B 146 18.20 -17.87 -4.54
C GLY B 146 18.85 -19.24 -4.39
N ASP B 147 20.00 -19.44 -5.05
CA ASP B 147 20.67 -20.73 -5.03
C ASP B 147 21.81 -20.71 -4.05
N ALA B 148 21.86 -21.74 -3.20
CA ALA B 148 22.93 -21.90 -2.21
C ALA B 148 24.28 -22.29 -2.87
N VAL B 149 25.17 -21.33 -3.06
CA VAL B 149 26.43 -21.63 -3.74
C VAL B 149 27.28 -22.66 -3.04
N ASP B 150 27.19 -22.70 -1.72
CA ASP B 150 28.10 -23.52 -0.92
C ASP B 150 27.58 -24.88 -0.52
N LEU B 151 26.47 -25.30 -1.12
CA LEU B 151 25.98 -26.65 -0.96
C LEU B 151 26.94 -27.57 -1.68
N GLY B 152 27.58 -28.49 -0.96
CA GLY B 152 28.49 -29.43 -1.59
C GLY B 152 28.62 -30.74 -0.83
N THR B 153 29.67 -31.48 -1.14
CA THR B 153 29.93 -32.78 -0.55
C THR B 153 31.36 -32.80 -0.04
N CYS B 154 31.57 -33.47 1.08
CA CYS B 154 32.90 -33.64 1.65
C CYS B 154 33.87 -34.17 0.58
N LYS B 155 35.09 -33.64 0.51
CA LYS B 155 36.01 -34.09 -0.56
C LYS B 155 36.97 -35.19 -0.12
N ALA B 156 36.90 -35.59 1.16
CA ALA B 156 37.70 -36.68 1.67
C ALA B 156 37.42 -37.97 0.89
N ARG B 157 38.49 -38.68 0.58
CA ARG B 157 38.38 -40.06 0.17
C ARG B 157 38.45 -40.92 1.43
N LYS B 158 37.45 -41.78 1.63
CA LYS B 158 37.33 -42.58 2.86
C LYS B 158 38.37 -43.72 2.93
N LYS B 159 38.40 -44.49 4.03
CA LYS B 159 39.39 -45.59 4.18
C LYS B 159 39.42 -46.57 3.00
N ASN B 160 38.29 -46.65 2.27
CA ASN B 160 38.21 -47.32 0.98
C ASN B 160 38.58 -46.32 -0.13
N GLY B 161 38.48 -46.73 -1.39
CA GLY B 161 38.64 -45.80 -2.50
C GLY B 161 37.43 -44.90 -2.66
N ASP B 162 36.37 -45.16 -1.89
CA ASP B 162 35.10 -44.49 -2.03
C ASP B 162 35.19 -43.06 -1.49
N PRO B 163 34.72 -42.06 -2.28
CA PRO B 163 34.51 -40.67 -1.83
C PRO B 163 33.49 -40.54 -0.70
N CYS B 164 33.67 -39.53 0.15
CA CYS B 164 32.72 -39.23 1.19
C CYS B 164 31.47 -38.61 0.57
N THR B 165 30.31 -38.85 1.18
CA THR B 165 29.04 -38.37 0.66
C THR B 165 28.40 -37.36 1.61
N GLN B 166 28.98 -37.23 2.81
CA GLN B 166 28.51 -36.22 3.78
C GLN B 166 28.37 -34.86 3.10
N MET B 167 27.24 -34.21 3.34
CA MET B 167 26.98 -32.86 2.87
C MET B 167 27.86 -31.86 3.64
N VAL B 168 28.37 -30.87 2.94
CA VAL B 168 29.13 -29.81 3.60
C VAL B 168 28.61 -28.45 3.19
N ASN B 169 28.89 -27.45 4.01
CA ASN B 169 28.84 -26.06 3.63
C ASN B 169 30.26 -25.62 3.20
N LEU B 170 30.45 -25.47 1.89
CA LEU B 170 31.77 -25.21 1.31
C LEU B 170 32.47 -23.92 1.83
N ASN B 171 31.70 -22.94 2.29
CA ASN B 171 32.30 -21.70 2.76
C ASN B 171 32.81 -21.81 4.19
N ASP B 172 32.41 -22.85 4.92
CA ASP B 172 32.79 -23.00 6.32
C ASP B 172 33.87 -24.07 6.49
N CYS B 173 33.71 -25.16 5.74
CA CYS B 173 34.65 -26.28 5.78
C CYS B 173 34.35 -27.21 4.63
N GLU B 174 35.38 -27.54 3.86
CA GLU B 174 35.25 -28.51 2.77
C GLU B 174 35.23 -29.96 3.20
N TYR B 175 35.45 -30.19 4.49
CA TYR B 175 35.42 -31.56 5.05
C TYR B 175 34.29 -31.66 6.04
N CYS B 176 33.66 -32.80 6.09
CA CYS B 176 32.63 -33.02 7.10
C CYS B 176 33.30 -33.09 8.48
N GLN B 177 32.49 -33.25 9.51
CA GLN B 177 33.02 -33.32 10.87
C GLN B 177 33.76 -34.63 11.18
N TYR B 178 33.46 -35.68 10.43
CA TYR B 178 34.24 -36.94 10.50
C TYR B 178 35.64 -36.77 9.93
N HIS B 179 35.77 -35.92 8.93
CA HIS B 179 37.01 -35.88 8.18
C HIS B 179 37.84 -34.63 8.36
N VAL B 180 37.32 -33.64 9.08
CA VAL B 180 38.04 -32.38 9.24
C VAL B 180 39.37 -32.59 9.97
N GLN B 181 40.37 -31.79 9.60
CA GLN B 181 41.77 -32.08 9.88
C GLN B 181 42.29 -31.48 11.20
N PRO C 4 -34.63 9.97 -11.66
CA PRO C 4 -33.90 11.04 -12.33
C PRO C 4 -33.84 10.88 -13.86
N VAL C 5 -34.89 11.28 -14.62
CA VAL C 5 -36.21 11.83 -14.19
C VAL C 5 -36.21 13.24 -13.53
N GLY C 6 -36.35 13.29 -12.21
CA GLY C 6 -36.42 14.58 -11.49
C GLY C 6 -35.13 15.37 -11.36
N GLN C 7 -33.98 14.68 -11.49
CA GLN C 7 -32.64 15.23 -11.20
C GLN C 7 -32.31 16.51 -11.97
N GLN C 8 -32.03 17.59 -11.25
CA GLN C 8 -31.60 18.83 -11.89
C GLN C 8 -30.09 18.92 -12.14
N TYR C 9 -29.29 18.29 -11.29
CA TYR C 9 -27.82 18.26 -11.53
C TYR C 9 -27.23 16.85 -11.55
N HIS C 10 -26.17 16.70 -12.33
CA HIS C 10 -25.43 15.45 -12.46
C HIS C 10 -23.95 15.72 -12.19
N VAL C 11 -23.24 14.72 -11.66
CA VAL C 11 -21.80 14.89 -11.50
C VAL C 11 -21.19 14.77 -12.88
N GLU C 12 -20.41 15.78 -13.30
CA GLU C 12 -19.76 15.64 -14.59
C GLU C 12 -18.61 14.65 -14.50
N LYS C 13 -18.51 13.81 -15.52
CA LYS C 13 -17.63 12.66 -15.53
C LYS C 13 -16.24 12.95 -14.96
N PHE C 14 -15.56 13.93 -15.55
CA PHE C 14 -14.11 14.09 -15.41
C PHE C 14 -13.66 14.80 -14.14
N SER C 15 -14.25 15.98 -13.88
CA SER C 15 -14.08 16.76 -12.65
C SER C 15 -14.70 16.12 -11.37
N GLY C 16 -15.70 15.27 -11.52
CA GLY C 16 -16.43 14.73 -10.37
C GLY C 16 -17.38 15.71 -9.67
N LEU C 17 -17.69 16.83 -10.33
CA LEU C 17 -18.47 17.87 -9.67
C LEU C 17 -19.79 18.14 -10.38
N ARG C 18 -20.77 18.59 -9.63
CA ARG C 18 -22.05 18.93 -10.21
C ARG C 18 -21.98 20.36 -10.73
N ILE C 19 -22.33 20.55 -11.99
CA ILE C 19 -22.16 21.84 -12.63
C ILE C 19 -23.52 22.46 -13.03
N ARG C 20 -23.71 23.71 -12.61
CA ARG C 20 -24.87 24.51 -13.02
C ARG C 20 -24.57 25.12 -14.39
N LYS C 21 -25.51 24.94 -15.31
CA LYS C 21 -25.42 25.46 -16.67
C LYS C 21 -24.08 25.06 -17.30
N PRO C 22 -23.89 23.75 -17.52
CA PRO C 22 -22.60 23.34 -18.08
C PRO C 22 -22.37 23.93 -19.48
N ARG C 23 -21.12 24.24 -19.78
CA ARG C 23 -20.78 24.97 -20.97
C ARG C 23 -20.24 24.03 -22.03
N VAL C 24 -19.78 22.85 -21.61
CA VAL C 24 -19.12 21.93 -22.50
C VAL C 24 -19.90 20.64 -22.56
N SER C 25 -20.32 20.24 -23.76
CA SER C 25 -21.07 19.01 -23.93
C SER C 25 -20.20 17.79 -23.58
N SER C 26 -20.85 16.67 -23.30
CA SER C 26 -20.16 15.39 -23.08
C SER C 26 -19.19 15.00 -24.21
N SER C 27 -19.57 15.25 -25.46
CA SER C 27 -18.71 14.86 -26.58
C SER C 27 -17.54 15.82 -26.71
N GLU C 28 -17.75 17.08 -26.35
CA GLU C 28 -16.68 18.06 -26.33
C GLU C 28 -15.66 17.72 -25.26
N MET C 29 -16.12 17.37 -24.07
CA MET C 29 -15.23 17.02 -22.98
C MET C 29 -14.43 15.79 -23.32
N GLU C 30 -15.10 14.84 -23.96
CA GLU C 30 -14.54 13.56 -24.34
C GLU C 30 -13.46 13.81 -25.36
N ARG C 31 -13.74 14.63 -26.38
CA ARG C 31 -12.71 15.05 -27.35
C ARG C 31 -11.54 15.77 -26.66
N LYS C 32 -11.86 16.67 -25.74
CA LYS C 32 -10.85 17.39 -24.96
C LYS C 32 -9.95 16.47 -24.17
N MET C 33 -10.52 15.42 -23.59
CA MET C 33 -9.78 14.52 -22.69
C MET C 33 -9.06 13.42 -23.44
N ASN C 34 -9.46 13.21 -24.68
CA ASN C 34 -8.91 12.13 -25.46
C ASN C 34 -7.38 12.20 -25.60
N GLY C 35 -6.72 11.11 -25.26
CA GLY C 35 -5.25 11.01 -25.35
C GLY C 35 -4.46 11.79 -24.31
N ARG C 36 -5.14 12.38 -23.31
CA ARG C 36 -4.45 13.17 -22.27
C ARG C 36 -4.46 12.51 -20.88
N LYS C 37 -3.50 12.86 -20.02
CA LYS C 37 -3.47 12.34 -18.64
C LYS C 37 -4.21 13.29 -17.67
N LEU C 38 -5.23 12.74 -17.01
CA LEU C 38 -5.95 13.45 -15.98
C LEU C 38 -5.12 13.42 -14.68
N ILE C 39 -4.61 14.59 -14.29
CA ILE C 39 -3.87 14.72 -13.03
C ILE C 39 -4.73 15.56 -12.07
N ARG C 40 -4.92 15.04 -10.87
CA ARG C 40 -5.60 15.73 -9.80
C ARG C 40 -4.69 16.86 -9.33
N LEU C 41 -5.32 17.93 -8.91
CA LEU C 41 -4.67 19.11 -8.34
C LEU C 41 -3.64 18.76 -7.29
N ALA C 42 -3.99 17.85 -6.38
CA ALA C 42 -3.09 17.37 -5.31
C ALA C 42 -1.80 16.68 -5.76
N GLN C 43 -1.75 16.21 -7.00
CA GLN C 43 -0.58 15.47 -7.51
C GLN C 43 0.40 16.39 -8.21
N LEU C 44 0.00 17.65 -8.41
CA LEU C 44 0.80 18.58 -9.20
C LEU C 44 2.19 18.85 -8.63
N GLN C 45 2.28 18.96 -7.31
CA GLN C 45 3.54 19.28 -6.65
C GLN C 45 4.56 18.18 -6.83
N ASN C 46 4.13 16.94 -6.63
CA ASN C 46 4.98 15.77 -6.80
C ASN C 46 5.45 15.60 -8.26
N LYS C 47 4.54 15.89 -9.19
CA LYS C 47 4.83 15.83 -10.62
C LYS C 47 5.84 16.89 -11.03
N ILE C 48 5.76 18.06 -10.39
CA ILE C 48 6.71 19.13 -10.67
C ILE C 48 8.10 18.82 -10.07
N ALA C 49 8.11 18.41 -8.81
CA ALA C 49 9.34 18.05 -8.11
C ALA C 49 10.09 16.92 -8.80
N THR C 50 9.35 15.95 -9.34
CA THR C 50 9.93 14.77 -10.00
C THR C 50 10.12 15.04 -11.49
N GLU C 51 9.94 16.30 -11.90
CA GLU C 51 10.14 16.74 -13.29
C GLU C 51 9.46 15.81 -14.31
N LYS C 52 8.20 15.46 -14.04
CA LYS C 52 7.49 14.51 -14.91
C LYS C 52 6.26 15.11 -15.61
N LEU C 53 6.08 16.43 -15.48
CA LEU C 53 4.85 17.11 -15.87
C LEU C 53 4.84 17.58 -17.32
N GLU C 54 5.82 18.42 -17.67
CA GLU C 54 6.08 18.93 -19.02
C GLU C 54 5.99 17.89 -20.14
N GLU C 55 6.40 16.66 -19.85
CA GLU C 55 6.42 15.62 -20.86
C GLU C 55 5.05 14.98 -21.09
N GLU C 56 4.07 15.35 -20.27
CA GLU C 56 2.75 14.75 -20.40
C GLU C 56 1.79 15.78 -20.98
N ASP C 57 0.84 15.31 -21.77
CA ASP C 57 -0.24 16.16 -22.27
C ASP C 57 -1.34 16.03 -21.23
N TRP C 58 -1.46 17.02 -20.36
CA TRP C 58 -2.24 16.82 -19.15
C TRP C 58 -3.34 17.88 -18.90
N VAL C 59 -4.35 17.48 -18.13
CA VAL C 59 -5.48 18.31 -17.71
C VAL C 59 -5.63 18.13 -16.18
N THR C 60 -5.94 19.22 -15.50
CA THR C 60 -6.40 19.16 -14.12
C THR C 60 -7.73 19.92 -13.99
N PHE C 61 -8.42 19.74 -12.88
CA PHE C 61 -9.65 20.50 -12.62
C PHE C 61 -9.61 21.23 -11.29
N GLY C 62 -10.24 22.40 -11.27
CA GLY C 62 -10.27 23.23 -10.08
C GLY C 62 -11.43 24.20 -10.15
N VAL C 63 -11.88 24.66 -9.00
CA VAL C 63 -12.81 25.74 -9.03
C VAL C 63 -12.16 27.01 -8.53
N ILE C 64 -12.54 28.14 -9.15
CA ILE C 64 -12.03 29.42 -8.73
C ILE C 64 -12.68 29.73 -7.40
N VAL C 65 -11.91 29.64 -6.33
CA VAL C 65 -12.48 29.89 -5.01
C VAL C 65 -12.21 31.31 -4.56
N LYS C 66 -11.20 31.94 -5.17
CA LYS C 66 -10.82 33.31 -4.90
C LYS C 66 -10.05 33.90 -6.09
N LYS C 67 -10.42 35.12 -6.46
CA LYS C 67 -9.70 35.88 -7.49
C LYS C 67 -8.88 37.00 -6.89
N ILE C 68 -7.65 37.12 -7.34
CA ILE C 68 -6.81 38.28 -7.05
C ILE C 68 -6.56 39.07 -8.34
N THR C 69 -6.94 40.34 -8.36
CA THR C 69 -6.66 41.20 -9.54
C THR C 69 -6.40 42.66 -9.12
N PRO C 70 -5.14 43.13 -9.26
CA PRO C 70 -3.98 42.38 -9.76
C PRO C 70 -3.16 41.73 -8.64
N PHE C 79 -2.11 41.33 -15.15
CA PHE C 79 -2.33 39.92 -14.83
C PHE C 79 -3.28 39.69 -13.66
N SER C 80 -3.73 38.45 -13.53
CA SER C 80 -4.50 38.07 -12.35
C SER C 80 -4.09 36.70 -11.80
N ILE C 81 -4.62 36.41 -10.62
CA ILE C 81 -4.32 35.20 -9.88
C ILE C 81 -5.63 34.55 -9.46
N TRP C 82 -5.75 33.27 -9.78
CA TRP C 82 -6.89 32.47 -9.36
C TRP C 82 -6.38 31.43 -8.37
N ARG C 83 -7.02 31.37 -7.21
CA ARG C 83 -6.78 30.32 -6.25
C ARG C 83 -7.75 29.20 -6.53
N LEU C 84 -7.22 28.01 -6.79
CA LEU C 84 -8.02 26.89 -7.25
C LEU C 84 -8.07 25.78 -6.21
N ASN C 85 -9.24 25.14 -6.06
CA ASN C 85 -9.42 23.95 -5.23
C ASN C 85 -10.38 23.00 -5.97
N ASP C 86 -10.07 21.71 -6.01
CA ASP C 86 -10.97 20.83 -6.79
C ASP C 86 -12.22 20.33 -6.06
N LEU C 87 -12.41 20.78 -4.81
CA LEU C 87 -13.59 20.46 -4.00
C LEU C 87 -13.75 18.95 -3.74
N LYS C 88 -12.65 18.21 -3.87
CA LYS C 88 -12.61 16.77 -3.59
C LYS C 88 -11.53 16.55 -2.51
N ASP C 89 -10.37 17.14 -2.76
CA ASP C 89 -9.31 17.22 -1.80
C ASP C 89 -9.34 18.67 -1.30
N LEU C 90 -10.12 18.91 -0.24
CA LEU C 90 -10.40 20.25 0.21
C LEU C 90 -9.25 21.04 0.83
N ASP C 91 -8.19 20.34 1.22
CA ASP C 91 -7.01 21.00 1.81
C ASP C 91 -5.98 21.45 0.75
N LYS C 92 -6.10 20.97 -0.49
CA LYS C 92 -5.11 21.31 -1.53
C LYS C 92 -5.50 22.49 -2.43
N TYR C 93 -4.61 23.49 -2.50
CA TYR C 93 -4.81 24.62 -3.40
C TYR C 93 -3.64 24.77 -4.31
N ILE C 94 -3.88 25.33 -5.48
CA ILE C 94 -2.84 25.90 -6.30
C ILE C 94 -3.27 27.32 -6.67
N SER C 95 -2.30 28.14 -7.04
CA SER C 95 -2.55 29.50 -7.51
C SER C 95 -2.25 29.51 -8.99
N LEU C 96 -3.21 29.91 -9.81
CA LEU C 96 -2.99 30.08 -11.25
C LEU C 96 -2.82 31.55 -11.64
N PHE C 97 -1.72 31.84 -12.32
CA PHE C 97 -1.42 33.17 -12.80
C PHE C 97 -1.83 33.24 -14.26
N LEU C 98 -2.73 34.18 -14.55
CA LEU C 98 -3.18 34.46 -15.91
C LEU C 98 -2.39 35.66 -16.44
N PHE C 99 -1.69 35.45 -17.56
CA PHE C 99 -0.80 36.47 -18.17
C PHE C 99 -1.21 36.85 -19.60
N GLY C 100 -0.91 38.07 -20.01
CA GLY C 100 -1.10 38.48 -21.41
C GLY C 100 -2.51 38.28 -21.99
N ASP C 101 -2.62 37.44 -23.02
CA ASP C 101 -3.89 37.11 -23.68
C ASP C 101 -4.89 36.44 -22.78
N VAL C 102 -4.38 35.54 -21.93
CA VAL C 102 -5.23 34.77 -21.05
C VAL C 102 -5.87 35.66 -19.97
N HIS C 103 -5.12 36.59 -19.41
CA HIS C 103 -5.76 37.60 -18.57
C HIS C 103 -6.89 38.35 -19.30
N LYS C 104 -6.58 38.90 -20.48
CA LYS C 104 -7.55 39.67 -21.29
C LYS C 104 -8.85 38.94 -21.57
N GLU C 105 -8.73 37.66 -21.94
CA GLU C 105 -9.85 36.84 -22.36
C GLU C 105 -10.68 36.39 -21.16
N HIS C 106 -10.00 35.99 -20.09
CA HIS C 106 -10.62 35.24 -19.02
C HIS C 106 -10.79 35.97 -17.69
N TRP C 107 -10.19 37.15 -17.50
CA TRP C 107 -10.09 37.73 -16.15
C TRP C 107 -11.42 38.02 -15.42
N LYS C 108 -12.50 38.15 -16.17
CA LYS C 108 -13.77 38.58 -15.60
C LYS C 108 -14.66 37.37 -15.26
N THR C 109 -14.11 36.18 -15.50
CA THR C 109 -14.75 34.91 -15.15
C THR C 109 -15.25 34.91 -13.70
N ASP C 110 -16.51 34.56 -13.50
CA ASP C 110 -17.12 34.45 -12.17
C ASP C 110 -16.33 33.59 -11.19
N GLN C 111 -16.17 34.10 -9.97
CA GLN C 111 -15.78 33.26 -8.84
C GLN C 111 -16.75 32.07 -8.73
N GLY C 112 -16.20 30.90 -8.37
CA GLY C 112 -16.99 29.71 -8.22
C GLY C 112 -17.17 28.94 -9.53
N THR C 113 -16.44 29.33 -10.57
CA THR C 113 -16.47 28.61 -11.87
C THR C 113 -15.54 27.40 -11.88
N VAL C 114 -16.04 26.29 -12.43
CA VAL C 114 -15.25 25.11 -12.61
C VAL C 114 -14.50 25.27 -13.91
N ILE C 115 -13.20 25.03 -13.85
CA ILE C 115 -12.39 25.10 -15.03
C ILE C 115 -11.59 23.82 -15.25
N GLY C 116 -11.24 23.55 -16.50
CA GLY C 116 -10.17 22.61 -16.79
C GLY C 116 -8.94 23.45 -17.10
N LEU C 117 -7.81 23.01 -16.60
CA LEU C 117 -6.56 23.67 -16.79
C LEU C 117 -5.64 22.64 -17.45
N LEU C 118 -5.04 23.04 -18.56
CA LEU C 118 -4.28 22.15 -19.41
C LEU C 118 -2.84 22.63 -19.57
N ASN C 119 -1.89 21.74 -19.33
CA ASN C 119 -0.49 21.99 -19.76
C ASN C 119 0.07 23.34 -19.33
N ALA C 120 -0.28 23.70 -18.10
CA ALA C 120 0.25 24.89 -17.41
C ALA C 120 1.73 24.74 -17.10
N ASN C 121 2.44 25.86 -17.12
CA ASN C 121 3.86 25.91 -16.81
C ASN C 121 4.15 26.18 -15.31
N PRO C 122 5.03 25.38 -14.69
CA PRO C 122 5.42 25.64 -13.31
C PRO C 122 6.12 26.99 -13.18
N MET C 123 5.88 27.67 -12.05
CA MET C 123 6.54 28.93 -11.74
C MET C 123 7.61 28.80 -10.66
N GLY C 128 8.96 33.76 -0.14
CA GLY C 128 8.93 32.46 0.52
C GLY C 128 7.52 31.97 0.81
N THR C 129 7.16 30.82 0.22
CA THR C 129 5.84 30.22 0.43
C THR C 129 5.71 28.84 -0.22
N ASP C 130 4.90 27.97 0.40
CA ASP C 130 4.70 26.59 -0.07
C ASP C 130 3.51 26.43 -1.04
N GLU C 131 3.06 27.54 -1.62
CA GLU C 131 1.94 27.46 -2.58
C GLU C 131 2.46 27.05 -3.95
N VAL C 132 1.86 26.01 -4.51
CA VAL C 132 2.12 25.62 -5.89
C VAL C 132 1.49 26.65 -6.83
N CYS C 133 2.34 27.24 -7.69
CA CYS C 133 1.95 28.28 -8.60
C CYS C 133 2.19 27.82 -10.00
N LEU C 134 1.20 28.06 -10.86
CA LEU C 134 1.34 27.72 -12.28
C LEU C 134 0.90 28.92 -13.09
N SER C 135 1.41 29.04 -14.31
CA SER C 135 1.02 30.07 -15.24
C SER C 135 0.57 29.41 -16.56
N VAL C 136 -0.29 30.10 -17.30
CA VAL C 136 -0.64 29.74 -18.67
C VAL C 136 -0.47 30.95 -19.56
N ASP C 137 -0.14 30.65 -20.81
CA ASP C 137 0.27 31.58 -21.86
C ASP C 137 -0.85 31.61 -22.89
N ASN C 138 -1.47 30.45 -23.05
CA ASN C 138 -2.39 30.21 -24.11
C ASN C 138 -3.76 30.25 -23.48
N PRO C 139 -4.66 31.13 -23.98
CA PRO C 139 -6.04 31.21 -23.47
C PRO C 139 -6.83 29.91 -23.69
N GLN C 140 -6.39 29.08 -24.65
CA GLN C 140 -6.93 27.72 -24.86
C GLN C 140 -6.59 26.70 -23.77
N LYS C 141 -5.68 27.06 -22.87
CA LYS C 141 -5.31 26.15 -21.79
C LYS C 141 -6.25 26.24 -20.59
N VAL C 142 -7.20 27.16 -20.67
CA VAL C 142 -8.18 27.38 -19.62
C VAL C 142 -9.56 27.12 -20.19
N LEU C 143 -10.23 26.08 -19.71
CA LEU C 143 -11.53 25.68 -20.21
C LEU C 143 -12.60 25.99 -19.18
N LEU C 144 -13.52 26.90 -19.51
CA LEU C 144 -14.58 27.22 -18.59
C LEU C 144 -15.67 26.16 -18.68
N MET C 145 -16.02 25.60 -17.52
CA MET C 145 -16.96 24.47 -17.47
C MET C 145 -18.35 24.84 -16.96
N GLY C 146 -18.44 25.72 -15.96
CA GLY C 146 -19.72 26.20 -15.44
C GLY C 146 -19.61 26.44 -13.93
N ASP C 147 -20.71 26.79 -13.29
CA ASP C 147 -20.74 27.11 -11.86
C ASP C 147 -20.73 25.81 -11.06
N ALA C 148 -19.90 25.77 -10.04
CA ALA C 148 -19.87 24.68 -9.10
C ALA C 148 -21.08 24.76 -8.18
N VAL C 149 -22.08 23.90 -8.40
CA VAL C 149 -23.34 24.00 -7.60
C VAL C 149 -23.11 23.73 -6.12
N ASP C 150 -22.08 22.93 -5.82
CA ASP C 150 -21.82 22.43 -4.47
C ASP C 150 -20.72 23.18 -3.65
N LEU C 151 -20.19 24.26 -4.22
CA LEU C 151 -19.30 25.12 -3.46
C LEU C 151 -20.09 25.84 -2.35
N GLY C 152 -19.76 25.55 -1.09
CA GLY C 152 -20.52 26.10 0.04
C GLY C 152 -19.63 26.27 1.21
N THR C 153 -20.21 26.63 2.35
CA THR C 153 -19.46 26.77 3.60
C THR C 153 -19.94 25.78 4.68
N CYS C 154 -19.03 25.42 5.60
CA CYS C 154 -19.32 24.52 6.70
C CYS C 154 -20.60 24.91 7.47
N LYS C 155 -21.44 23.92 7.79
CA LYS C 155 -22.73 24.14 8.48
C LYS C 155 -22.56 24.24 10.01
N ALA C 156 -21.39 23.91 10.53
CA ALA C 156 -21.18 23.97 11.99
C ALA C 156 -20.99 25.41 12.50
N ARG C 157 -20.90 25.56 13.82
CA ARG C 157 -20.70 26.86 14.47
C ARG C 157 -19.39 26.90 15.24
N LYS C 158 -18.70 28.04 15.18
CA LYS C 158 -17.51 28.32 15.99
C LYS C 158 -17.83 28.34 17.49
N LYS C 159 -16.79 28.31 18.32
CA LYS C 159 -16.93 28.19 19.77
C LYS C 159 -17.73 29.35 20.39
N ASN C 160 -17.80 30.48 19.68
CA ASN C 160 -18.52 31.67 20.20
C ASN C 160 -19.92 31.88 19.59
N GLY C 161 -20.42 30.87 18.88
CA GLY C 161 -21.81 30.86 18.44
C GLY C 161 -22.04 31.16 16.97
N ASP C 162 -21.09 31.84 16.32
CA ASP C 162 -21.28 32.22 14.92
C ASP C 162 -20.91 31.17 13.85
N PRO C 163 -21.25 31.46 12.57
CA PRO C 163 -21.08 30.51 11.48
C PRO C 163 -19.64 30.21 11.12
N CYS C 164 -19.40 28.97 10.74
CA CYS C 164 -18.13 28.61 10.14
C CYS C 164 -18.11 29.10 8.68
N THR C 165 -16.97 29.67 8.29
CA THR C 165 -16.76 30.24 6.95
C THR C 165 -15.95 29.30 6.06
N GLN C 166 -15.38 28.25 6.65
CA GLN C 166 -14.62 27.24 5.94
C GLN C 166 -15.41 26.67 4.76
N MET C 167 -14.70 26.50 3.65
CA MET C 167 -15.31 26.04 2.40
C MET C 167 -15.59 24.54 2.41
N VAL C 168 -16.67 24.15 1.75
CA VAL C 168 -17.15 22.79 1.79
C VAL C 168 -17.70 22.35 0.42
N ASN C 169 -17.57 21.07 0.07
CA ASN C 169 -18.36 20.48 -1.00
C ASN C 169 -19.71 20.01 -0.44
N LEU C 170 -20.74 20.81 -0.69
CA LEU C 170 -22.05 20.60 -0.11
C LEU C 170 -22.56 19.17 -0.32
N ASN C 171 -22.26 18.60 -1.49
CA ASN C 171 -22.70 17.26 -1.88
C ASN C 171 -22.07 16.09 -1.07
N ASP C 172 -20.86 16.28 -0.56
CA ASP C 172 -20.06 15.17 -0.04
C ASP C 172 -20.01 15.27 1.47
N CYS C 173 -19.65 16.42 2.00
CA CYS C 173 -19.60 16.60 3.45
C CYS C 173 -19.86 18.05 3.84
N GLU C 174 -20.91 18.27 4.64
CA GLU C 174 -21.31 19.62 5.09
C GLU C 174 -20.45 20.22 6.21
N TYR C 175 -19.51 19.45 6.72
CA TYR C 175 -18.56 19.91 7.75
C TYR C 175 -17.16 20.03 7.14
N CYS C 176 -16.46 21.11 7.51
CA CYS C 176 -15.05 21.29 7.16
C CYS C 176 -14.19 20.28 7.90
N GLN C 177 -12.92 20.21 7.52
CA GLN C 177 -11.96 19.33 8.21
C GLN C 177 -11.76 19.65 9.71
N TYR C 178 -11.97 20.90 10.12
CA TYR C 178 -11.82 21.29 11.53
C TYR C 178 -13.04 20.93 12.37
N HIS C 179 -14.17 20.69 11.72
CA HIS C 179 -15.43 20.39 12.41
C HIS C 179 -15.98 18.99 12.20
N VAL C 180 -15.41 18.25 11.26
CA VAL C 180 -15.87 16.88 10.99
C VAL C 180 -15.61 15.85 12.11
N GLN C 181 -14.51 15.97 12.87
CA GLN C 181 -14.25 15.04 13.98
C GLN C 181 -15.20 15.20 15.18
N ALA C 182 -15.60 16.44 15.46
CA ALA C 182 -16.63 16.68 16.52
C ALA C 182 -17.91 15.88 16.18
N GLN C 183 -18.32 15.98 14.92
CA GLN C 183 -19.43 15.25 14.32
C GLN C 183 -19.25 13.74 14.38
N TYR C 184 -18.06 13.30 13.94
CA TYR C 184 -17.68 11.90 14.00
C TYR C 184 -17.79 11.32 15.41
N LYS C 185 -17.43 12.09 16.42
CA LYS C 185 -17.59 11.66 17.82
C LYS C 185 -19.04 11.61 18.22
N LYS C 186 -19.79 12.61 17.78
CA LYS C 186 -21.21 12.74 18.07
C LYS C 186 -21.95 11.47 17.60
N VAL C 187 -21.64 11.07 16.38
CA VAL C 187 -22.20 9.88 15.72
C VAL C 187 -21.82 8.56 16.41
N SER C 188 -20.54 8.39 16.76
CA SER C 188 -20.10 7.22 17.52
C SER C 188 -20.90 7.05 18.81
N SER C 189 -21.06 8.16 19.54
CA SER C 189 -21.80 8.17 20.80
C SER C 189 -23.32 7.95 20.62
N LYS C 190 -23.90 8.64 19.63
CA LYS C 190 -25.33 8.54 19.33
C LYS C 190 -25.72 7.12 18.92
N ARG C 191 -24.97 6.54 17.96
CA ARG C 191 -25.14 5.15 17.56
C ARG C 191 -24.79 4.16 18.69
N ALA C 192 -23.61 3.54 18.59
CA ALA C 192 -23.16 2.56 19.58
C ALA C 192 -21.66 2.27 19.42
ZN ZN D . 11.27 12.67 3.55
ZN ZN E . 33.69 -36.63 5.07
ZN ZN F . -16.32 24.23 9.99
#